data_1Z29
#
_entry.id   1Z29
#
_cell.length_a   58.398
_cell.length_b   65.399
_cell.length_c   86.517
_cell.angle_alpha   90.00
_cell.angle_beta   103.69
_cell.angle_gamma   90.00
#
_symmetry.space_group_name_H-M   'C 1 2 1'
#
loop_
_entity.id
_entity.type
_entity.pdbx_description
1 polymer 'Phenol-sulfating phenol sulfotransferase 2'
2 non-polymer 'CALCIUM ION'
3 non-polymer "ADENOSINE-3'-5'-DIPHOSPHATE"
4 non-polymer 'ACETIC ACID'
5 water water
#
_entity_poly.entity_id   1
_entity_poly.type   'polypeptide(L)'
_entity_poly.pdbx_seq_one_letter_code
;MELIQDTSRPPLEYVKGVPLIKYFAEALGPLQSFQARPDDLLISTYPKSGTTWVSQILDMIYQGGDLEKCHRAPIFMRVP
FLEFKVPGIPSGMETLKNTPAPRLLKTHLPLALLPQTLLDQKVKVVYVARNAKDVAVSYYHFYHMAKVYPHPGTWESFLE
KFMAGEVSYGSWYQHVQEWWELSRTHPVLYLFYEDMKENPKREIQKILEFVGRSLPEETVDLMVEHTSFKEMKKNPMTNY
TTVRREFMDHSISPFMRKGMAGDWKTTFTVAQNERFDADYAEKMAGCSLSFRSEL
;
_entity_poly.pdbx_strand_id   A
#
loop_
_chem_comp.id
_chem_comp.type
_chem_comp.name
_chem_comp.formula
A3P RNA linking ADENOSINE-3'-5'-DIPHOSPHATE 'C10 H15 N5 O10 P2'
ACY non-polymer 'ACETIC ACID' 'C2 H4 O2'
CA non-polymer 'CALCIUM ION' 'Ca 2'
#
# COMPACT_ATOMS: atom_id res chain seq x y z
N SER A 8 -20.55 -5.84 5.72
CA SER A 8 -21.60 -6.40 4.83
C SER A 8 -21.41 -5.97 3.38
N ARG A 9 -20.17 -5.97 2.92
CA ARG A 9 -19.84 -5.60 1.55
C ARG A 9 -20.62 -4.42 1.00
N PRO A 10 -20.52 -3.25 1.66
CA PRO A 10 -21.20 -2.02 1.25
C PRO A 10 -20.61 -1.45 -0.04
N PRO A 11 -21.46 -0.89 -0.93
CA PRO A 11 -20.90 -0.33 -2.17
C PRO A 11 -19.87 0.74 -1.89
N LEU A 12 -19.06 1.06 -2.89
CA LEU A 12 -18.02 2.08 -2.72
C LEU A 12 -18.64 3.45 -2.77
N GLU A 13 -17.95 4.42 -2.18
CA GLU A 13 -18.42 5.79 -2.18
C GLU A 13 -17.44 6.62 -2.96
N TYR A 14 -17.95 7.44 -3.87
CA TYR A 14 -17.10 8.30 -4.67
C TYR A 14 -16.86 9.60 -3.92
N VAL A 15 -15.63 10.08 -4.00
CA VAL A 15 -15.23 11.33 -3.35
C VAL A 15 -14.27 12.02 -4.29
N LYS A 16 -14.63 13.22 -4.73
CA LYS A 16 -13.81 13.96 -5.67
C LYS A 16 -13.39 13.06 -6.84
N GLY A 17 -14.34 12.23 -7.27
CA GLY A 17 -14.09 11.32 -8.39
C GLY A 17 -13.42 10.02 -8.00
N VAL A 18 -13.10 9.88 -6.72
CA VAL A 18 -12.42 8.69 -6.23
C VAL A 18 -13.30 7.73 -5.43
N PRO A 19 -13.48 6.50 -5.92
CA PRO A 19 -14.28 5.50 -5.22
C PRO A 19 -13.49 4.95 -4.03
N LEU A 20 -14.13 4.86 -2.87
CA LEU A 20 -13.47 4.37 -1.67
C LEU A 20 -14.40 3.58 -0.78
N ILE A 21 -13.80 2.88 0.17
CA ILE A 21 -14.54 2.10 1.15
C ILE A 21 -15.46 3.09 1.84
N LYS A 22 -16.75 2.73 1.95
CA LYS A 22 -17.75 3.59 2.58
C LYS A 22 -17.24 4.26 3.85
N TYR A 23 -16.71 3.43 4.76
CA TYR A 23 -16.18 3.88 6.03
C TYR A 23 -15.00 4.88 5.86
N PHE A 24 -14.07 4.55 4.97
CA PHE A 24 -12.90 5.40 4.72
C PHE A 24 -13.37 6.74 4.12
N ALA A 25 -14.53 6.71 3.48
CA ALA A 25 -15.10 7.92 2.88
C ALA A 25 -15.59 8.81 4.02
N GLU A 26 -16.23 8.18 5.00
CA GLU A 26 -16.77 8.88 6.17
C GLU A 26 -15.61 9.42 7.00
N ALA A 27 -14.52 8.66 7.04
CA ALA A 27 -13.34 9.06 7.83
C ALA A 27 -12.61 10.29 7.30
N LEU A 28 -12.98 10.76 6.11
CA LEU A 28 -12.31 11.93 5.53
C LEU A 28 -12.66 13.24 6.21
N GLY A 29 -13.87 13.35 6.73
CA GLY A 29 -14.27 14.58 7.40
C GLY A 29 -13.35 14.78 8.57
N PRO A 30 -13.38 13.86 9.56
CA PRO A 30 -12.51 13.97 10.73
C PRO A 30 -11.08 14.16 10.29
N LEU A 31 -10.82 13.88 9.01
CA LEU A 31 -9.48 13.95 8.44
C LEU A 31 -8.84 15.29 8.11
N GLN A 32 -9.62 16.35 7.93
CA GLN A 32 -9.02 17.65 7.62
C GLN A 32 -8.59 18.36 8.90
N SER A 33 -8.81 17.69 10.03
CA SER A 33 -8.40 18.24 11.31
C SER A 33 -6.95 17.81 11.54
N PHE A 34 -6.59 16.68 10.94
CA PHE A 34 -5.25 16.11 11.05
C PHE A 34 -4.15 17.13 10.80
N GLN A 35 -3.20 17.20 11.71
CA GLN A 35 -2.08 18.12 11.56
C GLN A 35 -0.79 17.30 11.53
N ALA A 36 -0.03 17.47 10.46
CA ALA A 36 1.22 16.76 10.27
C ALA A 36 2.39 17.46 10.95
N ARG A 37 3.34 16.66 11.44
CA ARG A 37 4.53 17.19 12.09
C ARG A 37 5.65 17.13 11.04
N PRO A 38 6.71 17.95 11.20
CA PRO A 38 7.83 17.96 10.25
C PRO A 38 8.61 16.65 10.20
N ASP A 39 8.60 15.91 11.31
CA ASP A 39 9.33 14.65 11.37
C ASP A 39 8.49 13.40 11.06
N ASP A 40 7.26 13.58 10.57
CA ASP A 40 6.45 12.42 10.24
C ASP A 40 7.11 11.77 9.03
N LEU A 41 6.81 10.48 8.84
CA LEU A 41 7.34 9.72 7.72
C LEU A 41 6.07 9.12 7.13
N LEU A 42 5.77 9.47 5.89
CA LEU A 42 4.57 8.98 5.24
C LEU A 42 4.86 7.85 4.26
N ILE A 43 4.19 6.73 4.50
CA ILE A 43 4.32 5.56 3.66
C ILE A 43 3.13 5.66 2.72
N SER A 44 3.41 5.82 1.44
CA SER A 44 2.35 5.98 0.45
C SER A 44 2.41 4.89 -0.62
N THR A 45 1.26 4.31 -0.93
CA THR A 45 1.21 3.27 -1.93
C THR A 45 -0.20 3.07 -2.47
N TYR A 46 -0.28 2.47 -3.65
CA TYR A 46 -1.58 2.12 -4.20
C TYR A 46 -1.78 0.77 -3.47
N PRO A 47 -3.02 0.37 -3.21
CA PRO A 47 -3.23 -0.91 -2.52
C PRO A 47 -2.47 -2.13 -3.08
N LYS A 48 -2.05 -3.02 -2.17
CA LYS A 48 -1.35 -4.26 -2.46
C LYS A 48 -0.03 -4.08 -3.21
N SER A 49 0.74 -3.07 -2.84
CA SER A 49 1.99 -2.79 -3.51
C SER A 49 3.22 -2.96 -2.62
N GLY A 50 3.03 -3.43 -1.40
CA GLY A 50 4.15 -3.62 -0.49
C GLY A 50 4.07 -2.71 0.71
N THR A 51 2.88 -2.20 0.97
CA THR A 51 2.65 -1.30 2.10
C THR A 51 3.06 -1.93 3.44
N THR A 52 2.56 -3.13 3.70
CA THR A 52 2.84 -3.84 4.94
C THR A 52 4.31 -4.19 5.03
N TRP A 53 4.88 -4.51 3.88
CA TRP A 53 6.28 -4.89 3.81
C TRP A 53 7.18 -3.73 4.20
N VAL A 54 7.03 -2.60 3.52
CA VAL A 54 7.87 -1.43 3.78
C VAL A 54 7.56 -0.84 5.16
N SER A 55 6.35 -1.06 5.66
CA SER A 55 5.95 -0.57 6.98
C SER A 55 6.73 -1.31 8.07
N GLN A 56 6.84 -2.62 7.92
CA GLN A 56 7.55 -3.42 8.89
C GLN A 56 9.01 -3.00 8.86
N ILE A 57 9.54 -2.80 7.66
CA ILE A 57 10.94 -2.40 7.54
C ILE A 57 11.19 -1.07 8.24
N LEU A 58 10.35 -0.08 7.94
CA LEU A 58 10.51 1.23 8.56
C LEU A 58 10.33 1.19 10.07
N ASP A 59 9.43 0.35 10.55
CA ASP A 59 9.20 0.26 11.98
C ASP A 59 10.42 -0.33 12.67
N MET A 60 11.03 -1.35 12.08
CA MET A 60 12.21 -1.94 12.67
C MET A 60 13.31 -0.89 12.73
N ILE A 61 13.51 -0.19 11.61
CA ILE A 61 14.51 0.86 11.51
C ILE A 61 14.33 1.87 12.65
N TYR A 62 13.09 2.34 12.82
CA TYR A 62 12.78 3.29 13.86
C TYR A 62 12.94 2.76 15.29
N GLN A 63 13.09 1.46 15.44
CA GLN A 63 13.29 0.83 16.75
C GLN A 63 14.74 0.36 16.94
N GLY A 64 15.62 0.78 16.04
CA GLY A 64 17.02 0.40 16.11
C GLY A 64 17.29 -1.00 15.57
N GLY A 65 16.29 -1.56 14.89
CA GLY A 65 16.40 -2.90 14.34
C GLY A 65 15.42 -3.84 15.03
N ALA A 73 2.85 -5.24 19.57
CA ALA A 73 1.57 -4.89 18.95
C ALA A 73 1.61 -5.11 17.43
N PRO A 74 0.45 -5.35 16.81
CA PRO A 74 0.39 -5.57 15.37
C PRO A 74 0.80 -4.35 14.55
N ILE A 75 1.18 -4.62 13.30
CA ILE A 75 1.63 -3.57 12.39
C ILE A 75 0.63 -2.42 12.26
N PHE A 76 -0.67 -2.71 12.25
CA PHE A 76 -1.65 -1.63 12.10
C PHE A 76 -1.80 -0.72 13.32
N MET A 77 -1.18 -1.09 14.44
CA MET A 77 -1.26 -0.26 15.63
C MET A 77 0.00 0.60 15.67
N ARG A 78 1.12 0.01 15.25
CA ARG A 78 2.40 0.70 15.26
C ARG A 78 2.50 1.70 14.11
N VAL A 79 1.79 1.44 13.02
CA VAL A 79 1.82 2.35 11.88
C VAL A 79 0.40 2.75 11.52
N PRO A 80 -0.13 3.77 12.22
CA PRO A 80 -1.50 4.23 11.95
C PRO A 80 -1.83 4.36 10.46
N PHE A 81 -3.03 3.90 10.12
CA PHE A 81 -3.54 3.95 8.75
C PHE A 81 -4.42 5.20 8.71
N LEU A 82 -3.87 6.25 8.12
CA LEU A 82 -4.53 7.54 8.02
C LEU A 82 -6.05 7.62 7.87
N GLU A 83 -6.58 7.09 6.77
CA GLU A 83 -8.01 7.16 6.53
C GLU A 83 -8.79 5.98 7.08
N PHE A 84 -8.13 5.16 7.90
CA PHE A 84 -8.76 3.97 8.46
C PHE A 84 -10.00 4.25 9.31
N LYS A 85 -10.97 3.34 9.21
CA LYS A 85 -12.24 3.43 9.94
C LYS A 85 -13.09 2.18 9.69
N VAL A 86 -13.55 1.53 10.75
CA VAL A 86 -14.36 0.32 10.62
C VAL A 86 -15.28 0.09 11.83
N PRO A 87 -16.54 -0.33 11.58
CA PRO A 87 -17.57 -0.60 12.60
C PRO A 87 -17.13 -0.97 14.01
N GLY A 88 -16.27 -1.97 14.15
CA GLY A 88 -15.84 -2.36 15.48
C GLY A 88 -14.36 -2.15 15.73
N ILE A 89 -13.80 -1.11 15.12
CA ILE A 89 -12.37 -0.84 15.28
C ILE A 89 -12.04 0.66 15.33
N PRO A 90 -11.12 1.04 16.25
CA PRO A 90 -10.66 2.43 16.45
C PRO A 90 -10.14 3.13 15.18
N SER A 91 -10.63 4.34 14.96
CA SER A 91 -10.26 5.16 13.80
C SER A 91 -8.76 5.35 13.62
N GLY A 92 -8.34 5.54 12.37
CA GLY A 92 -6.94 5.74 12.06
C GLY A 92 -6.35 6.95 12.76
N MET A 93 -7.14 8.02 12.86
CA MET A 93 -6.69 9.23 13.53
C MET A 93 -6.72 9.03 15.04
N GLU A 94 -7.55 8.09 15.48
CA GLU A 94 -7.66 7.78 16.90
C GLU A 94 -6.33 7.19 17.32
N THR A 95 -6.00 6.06 16.69
CA THR A 95 -4.76 5.34 16.95
C THR A 95 -3.57 6.30 16.88
N LEU A 96 -3.73 7.39 16.15
CA LEU A 96 -2.64 8.35 15.97
C LEU A 96 -2.49 9.39 17.07
N LYS A 97 -3.48 9.42 17.97
CA LYS A 97 -3.49 10.35 19.08
C LYS A 97 -2.48 9.89 20.13
N ASN A 98 -2.51 8.60 20.43
CA ASN A 98 -1.61 7.99 21.40
C ASN A 98 -0.26 7.73 20.71
N THR A 99 0.03 8.53 19.68
CA THR A 99 1.26 8.39 18.90
C THR A 99 2.28 9.50 19.09
N PRO A 100 3.43 9.16 19.71
CA PRO A 100 4.54 10.07 19.99
C PRO A 100 5.39 10.30 18.73
N ALA A 101 6.02 11.46 18.63
CA ALA A 101 6.89 11.75 17.50
C ALA A 101 8.17 10.94 17.74
N PRO A 102 8.83 10.48 16.66
CA PRO A 102 8.51 10.62 15.24
C PRO A 102 7.47 9.58 14.80
N ARG A 103 6.50 10.03 14.01
CA ARG A 103 5.40 9.16 13.55
C ARG A 103 5.55 8.57 12.15
N LEU A 104 5.26 7.27 12.03
CA LEU A 104 5.27 6.58 10.74
C LEU A 104 3.80 6.50 10.36
N LEU A 105 3.44 7.06 9.20
CA LEU A 105 2.05 7.05 8.74
C LEU A 105 1.89 6.18 7.50
N LYS A 106 0.68 5.69 7.29
CA LYS A 106 0.36 4.86 6.14
C LYS A 106 -0.87 5.43 5.42
N THR A 107 -0.84 5.45 4.08
CA THR A 107 -1.99 5.94 3.31
C THR A 107 -1.97 5.36 1.90
N HIS A 108 -3.13 5.31 1.27
CA HIS A 108 -3.25 4.85 -0.12
C HIS A 108 -3.95 5.96 -0.87
N LEU A 109 -4.18 7.09 -0.19
CA LEU A 109 -4.90 8.20 -0.79
C LEU A 109 -4.25 8.86 -2.00
N PRO A 110 -5.04 9.10 -3.06
CA PRO A 110 -4.57 9.76 -4.29
C PRO A 110 -4.24 11.19 -3.83
N LEU A 111 -3.41 11.91 -4.57
CA LEU A 111 -3.04 13.27 -4.20
C LEU A 111 -4.16 14.29 -4.04
N ALA A 112 -5.31 14.04 -4.66
CA ALA A 112 -6.44 14.97 -4.56
C ALA A 112 -7.12 14.87 -3.21
N LEU A 113 -6.91 13.77 -2.51
CA LEU A 113 -7.56 13.58 -1.22
C LEU A 113 -6.58 13.64 -0.06
N LEU A 114 -5.29 13.76 -0.37
CA LEU A 114 -4.28 13.80 0.67
C LEU A 114 -4.35 15.08 1.52
N PRO A 115 -4.38 14.92 2.86
CA PRO A 115 -4.44 16.09 3.74
C PRO A 115 -3.32 17.05 3.35
N GLN A 116 -3.69 18.26 2.96
CA GLN A 116 -2.72 19.26 2.53
C GLN A 116 -1.54 19.47 3.48
N THR A 117 -1.82 19.40 4.78
CA THR A 117 -0.80 19.60 5.80
C THR A 117 0.48 18.76 5.60
N LEU A 118 0.33 17.56 5.04
CA LEU A 118 1.47 16.68 4.80
C LEU A 118 2.43 17.26 3.76
N LEU A 119 1.85 17.94 2.76
CA LEU A 119 2.65 18.57 1.72
C LEU A 119 3.27 19.86 2.25
N ASP A 120 2.46 20.65 2.97
CA ASP A 120 2.93 21.92 3.54
C ASP A 120 4.09 21.75 4.53
N GLN A 121 4.12 20.62 5.25
CA GLN A 121 5.21 20.38 6.21
C GLN A 121 6.39 19.65 5.56
N LYS A 122 6.28 19.36 4.27
CA LYS A 122 7.37 18.67 3.55
C LYS A 122 7.69 17.30 4.12
N VAL A 123 6.68 16.60 4.62
CA VAL A 123 6.87 15.28 5.21
C VAL A 123 7.52 14.31 4.25
N LYS A 124 8.57 13.63 4.71
CA LYS A 124 9.26 12.64 3.90
C LYS A 124 8.32 11.51 3.49
N VAL A 125 8.36 11.15 2.21
CA VAL A 125 7.50 10.09 1.71
C VAL A 125 8.25 8.91 1.14
N VAL A 126 7.88 7.72 1.59
CA VAL A 126 8.45 6.51 1.04
C VAL A 126 7.29 5.92 0.25
N TYR A 127 7.40 5.92 -1.07
CA TYR A 127 6.34 5.40 -1.92
C TYR A 127 6.80 4.10 -2.54
N VAL A 128 5.90 3.15 -2.72
CA VAL A 128 6.26 1.88 -3.33
C VAL A 128 5.28 1.60 -4.47
N ALA A 129 5.82 1.28 -5.64
CA ALA A 129 4.98 0.97 -6.79
C ALA A 129 5.24 -0.47 -7.15
N ARG A 130 4.21 -1.14 -7.66
CA ARG A 130 4.32 -2.53 -8.05
C ARG A 130 3.68 -2.67 -9.42
N ASN A 131 4.13 -3.66 -10.21
CA ASN A 131 3.57 -3.83 -11.54
C ASN A 131 2.06 -4.06 -11.41
N ALA A 132 1.32 -3.40 -12.30
CA ALA A 132 -0.13 -3.44 -12.32
C ALA A 132 -0.77 -4.83 -12.40
N LYS A 133 -0.17 -5.74 -13.14
CA LYS A 133 -0.77 -7.07 -13.24
C LYS A 133 -0.74 -7.79 -11.88
N ASP A 134 0.40 -7.78 -11.20
CA ASP A 134 0.47 -8.42 -9.90
C ASP A 134 -0.41 -7.69 -8.90
N VAL A 135 -0.55 -6.37 -9.05
CA VAL A 135 -1.39 -5.62 -8.13
C VAL A 135 -2.85 -6.08 -8.31
N ALA A 136 -3.28 -6.15 -9.56
CA ALA A 136 -4.64 -6.55 -9.88
C ALA A 136 -5.03 -7.90 -9.26
N VAL A 137 -4.21 -8.92 -9.51
CA VAL A 137 -4.45 -10.25 -8.95
C VAL A 137 -4.47 -10.22 -7.42
N SER A 138 -3.52 -9.49 -6.84
CA SER A 138 -3.44 -9.40 -5.40
C SER A 138 -4.65 -8.69 -4.82
N TYR A 139 -5.13 -7.71 -5.55
CA TYR A 139 -6.28 -6.92 -5.12
C TYR A 139 -7.58 -7.71 -5.23
N TYR A 140 -7.66 -8.60 -6.23
CA TYR A 140 -8.84 -9.41 -6.44
C TYR A 140 -9.01 -10.38 -5.28
N HIS A 141 -7.91 -10.97 -4.83
CA HIS A 141 -7.99 -11.91 -3.72
C HIS A 141 -8.26 -11.20 -2.40
N PHE A 142 -7.79 -9.95 -2.29
CA PHE A 142 -7.99 -9.18 -1.07
C PHE A 142 -9.46 -8.77 -0.98
N TYR A 143 -10.04 -8.41 -2.12
CA TYR A 143 -11.46 -8.03 -2.18
C TYR A 143 -12.29 -9.17 -1.61
N HIS A 144 -11.84 -10.40 -1.86
CA HIS A 144 -12.55 -11.58 -1.39
C HIS A 144 -12.51 -11.78 0.12
N MET A 145 -11.33 -11.69 0.71
CA MET A 145 -11.18 -11.90 2.15
C MET A 145 -11.60 -10.72 3.03
N ALA A 146 -11.31 -9.49 2.60
CA ALA A 146 -11.66 -8.31 3.38
C ALA A 146 -13.11 -7.92 3.06
N LYS A 147 -13.99 -8.15 4.02
CA LYS A 147 -15.42 -7.90 3.84
C LYS A 147 -15.93 -6.47 3.84
N VAL A 148 -15.04 -5.47 3.91
CA VAL A 148 -15.51 -4.10 3.87
C VAL A 148 -15.60 -3.69 2.41
N TYR A 149 -15.10 -4.56 1.52
CA TYR A 149 -15.12 -4.31 0.08
C TYR A 149 -16.33 -4.96 -0.55
N PRO A 150 -16.90 -4.33 -1.59
CA PRO A 150 -18.05 -4.96 -2.23
C PRO A 150 -17.54 -6.27 -2.82
N HIS A 151 -18.41 -7.25 -2.97
CA HIS A 151 -17.97 -8.52 -3.54
C HIS A 151 -17.40 -8.22 -4.93
N PRO A 152 -16.19 -8.71 -5.22
CA PRO A 152 -15.48 -8.54 -6.49
C PRO A 152 -16.15 -9.11 -7.74
N GLY A 153 -16.85 -10.23 -7.59
CA GLY A 153 -17.48 -10.86 -8.73
C GLY A 153 -16.48 -11.84 -9.28
N THR A 154 -16.49 -12.08 -10.59
CA THR A 154 -15.53 -13.00 -11.18
C THR A 154 -14.24 -12.23 -11.44
N TRP A 155 -13.14 -12.95 -11.63
CA TRP A 155 -11.86 -12.33 -11.91
C TRP A 155 -12.01 -11.55 -13.22
N GLU A 156 -12.70 -12.13 -14.19
CA GLU A 156 -12.90 -11.47 -15.48
C GLU A 156 -13.52 -10.09 -15.31
N SER A 157 -14.55 -9.99 -14.47
CA SER A 157 -15.24 -8.72 -14.23
C SER A 157 -14.39 -7.77 -13.37
N PHE A 158 -13.68 -8.32 -12.41
CA PHE A 158 -12.84 -7.49 -11.55
C PHE A 158 -11.74 -6.84 -12.39
N LEU A 159 -11.14 -7.63 -13.29
CA LEU A 159 -10.05 -7.12 -14.12
C LEU A 159 -10.52 -5.89 -14.86
N GLU A 160 -11.76 -5.95 -15.34
CA GLU A 160 -12.33 -4.85 -16.10
C GLU A 160 -12.50 -3.62 -15.19
N LYS A 161 -13.00 -3.86 -13.98
CA LYS A 161 -13.18 -2.78 -13.02
C LYS A 161 -11.84 -2.17 -12.66
N PHE A 162 -10.83 -3.02 -12.53
CA PHE A 162 -9.50 -2.56 -12.18
C PHE A 162 -8.90 -1.71 -13.29
N MET A 163 -9.15 -2.10 -14.54
CA MET A 163 -8.62 -1.35 -15.67
C MET A 163 -9.33 -0.01 -15.78
N ALA A 164 -10.58 0.05 -15.34
CA ALA A 164 -11.35 1.29 -15.40
C ALA A 164 -11.28 2.11 -14.10
N GLY A 165 -10.38 1.71 -13.21
CA GLY A 165 -10.26 2.42 -11.95
C GLY A 165 -11.52 2.38 -11.11
N GLU A 166 -12.41 1.43 -11.40
CA GLU A 166 -13.65 1.32 -10.65
C GLU A 166 -13.53 0.39 -9.46
N VAL A 167 -12.47 0.60 -8.70
CA VAL A 167 -12.16 -0.18 -7.50
C VAL A 167 -11.75 0.82 -6.42
N SER A 168 -11.60 0.36 -5.19
CA SER A 168 -11.22 1.25 -4.08
C SER A 168 -9.90 1.97 -4.30
N TYR A 169 -9.93 3.29 -4.16
CA TYR A 169 -8.78 4.19 -4.33
C TYR A 169 -8.54 4.60 -5.78
N GLY A 170 -9.46 4.20 -6.65
CA GLY A 170 -9.37 4.58 -8.05
C GLY A 170 -8.28 3.95 -8.90
N SER A 171 -7.93 4.65 -9.97
CA SER A 171 -6.94 4.19 -10.92
C SER A 171 -5.51 4.02 -10.41
N TRP A 172 -4.96 2.86 -10.71
CA TRP A 172 -3.58 2.51 -10.36
C TRP A 172 -2.65 3.31 -11.24
N TYR A 173 -3.06 3.47 -12.50
CA TYR A 173 -2.28 4.19 -13.51
C TYR A 173 -2.01 5.63 -13.07
N GLN A 174 -3.05 6.31 -12.61
CA GLN A 174 -2.89 7.68 -12.17
C GLN A 174 -2.12 7.75 -10.86
N HIS A 175 -2.39 6.80 -9.97
CA HIS A 175 -1.75 6.78 -8.67
C HIS A 175 -0.23 6.72 -8.76
N VAL A 176 0.30 5.76 -9.51
CA VAL A 176 1.77 5.64 -9.63
C VAL A 176 2.42 6.79 -10.40
N GLN A 177 1.66 7.45 -11.26
CA GLN A 177 2.18 8.56 -12.05
C GLN A 177 2.21 9.89 -11.28
N GLU A 178 1.12 10.22 -10.60
CA GLU A 178 1.06 11.48 -9.87
C GLU A 178 2.13 11.56 -8.81
N TRP A 179 2.29 10.51 -8.03
CA TRP A 179 3.28 10.48 -6.97
C TRP A 179 4.68 10.46 -7.55
N TRP A 180 4.82 9.88 -8.73
CA TRP A 180 6.12 9.83 -9.39
C TRP A 180 6.46 11.28 -9.72
N GLU A 181 5.49 12.01 -10.23
CA GLU A 181 5.70 13.40 -10.58
C GLU A 181 5.91 14.25 -9.33
N LEU A 182 5.16 13.98 -8.27
CA LEU A 182 5.30 14.75 -7.03
C LEU A 182 6.76 14.70 -6.58
N SER A 183 7.39 13.55 -6.80
CA SER A 183 8.77 13.30 -6.42
C SER A 183 9.78 14.33 -6.93
N ARG A 184 9.37 15.15 -7.90
CA ARG A 184 10.25 16.16 -8.47
C ARG A 184 10.36 17.42 -7.62
N THR A 185 9.32 17.71 -6.84
CA THR A 185 9.31 18.91 -6.01
C THR A 185 8.96 18.64 -4.55
N HIS A 186 9.05 17.38 -4.12
CA HIS A 186 8.73 17.01 -2.75
C HIS A 186 9.61 15.83 -2.37
N PRO A 187 10.11 15.80 -1.12
CA PRO A 187 10.96 14.69 -0.70
C PRO A 187 10.24 13.33 -0.76
N VAL A 188 10.56 12.55 -1.78
CA VAL A 188 9.95 11.24 -1.99
C VAL A 188 10.95 10.17 -2.41
N LEU A 189 10.95 9.05 -1.70
CA LEU A 189 11.82 7.94 -2.05
C LEU A 189 10.85 6.97 -2.74
N TYR A 190 10.95 6.91 -4.07
CA TYR A 190 10.06 6.07 -4.87
C TYR A 190 10.70 4.72 -5.09
N LEU A 191 10.12 3.70 -4.49
CA LEU A 191 10.67 2.36 -4.60
C LEU A 191 9.80 1.44 -5.42
N PHE A 192 10.37 0.32 -5.85
CA PHE A 192 9.62 -0.67 -6.60
C PHE A 192 9.57 -2.00 -5.88
N TYR A 193 8.36 -2.54 -5.76
CA TYR A 193 8.14 -3.81 -5.12
C TYR A 193 9.11 -4.85 -5.64
N GLU A 194 9.30 -4.86 -6.95
CA GLU A 194 10.19 -5.82 -7.60
C GLU A 194 11.66 -5.67 -7.18
N ASP A 195 12.14 -4.42 -7.06
CA ASP A 195 13.52 -4.19 -6.62
C ASP A 195 13.68 -4.76 -5.21
N MET A 196 12.68 -4.56 -4.36
CA MET A 196 12.70 -5.08 -3.00
C MET A 196 12.75 -6.61 -2.99
N LYS A 197 12.11 -7.22 -3.99
CA LYS A 197 12.11 -8.67 -4.10
C LYS A 197 13.50 -9.13 -4.50
N GLU A 198 14.00 -8.52 -5.57
CA GLU A 198 15.30 -8.84 -6.12
C GLU A 198 16.46 -8.69 -5.15
N ASN A 199 16.56 -7.53 -4.50
CA ASN A 199 17.64 -7.26 -3.55
C ASN A 199 17.16 -6.44 -2.35
N PRO A 200 16.53 -7.11 -1.37
CA PRO A 200 16.03 -6.41 -0.18
C PRO A 200 17.04 -5.53 0.56
N LYS A 201 18.27 -6.03 0.74
CA LYS A 201 19.28 -5.24 1.45
C LYS A 201 19.52 -3.92 0.74
N ARG A 202 19.67 -3.98 -0.58
CA ARG A 202 19.91 -2.78 -1.37
C ARG A 202 18.81 -1.74 -1.13
N GLU A 203 17.56 -2.18 -1.10
CA GLU A 203 16.45 -1.25 -0.91
C GLU A 203 16.33 -0.74 0.52
N ILE A 204 16.71 -1.57 1.48
CA ILE A 204 16.64 -1.16 2.88
C ILE A 204 17.70 -0.09 3.14
N GLN A 205 18.89 -0.27 2.56
CA GLN A 205 19.95 0.71 2.71
C GLN A 205 19.51 2.04 2.12
N LYS A 206 18.75 2.00 1.03
CA LYS A 206 18.26 3.24 0.43
C LYS A 206 17.27 3.94 1.38
N ILE A 207 16.46 3.16 2.11
CA ILE A 207 15.52 3.71 3.07
C ILE A 207 16.26 4.32 4.27
N LEU A 208 17.30 3.64 4.73
CA LEU A 208 18.10 4.14 5.85
C LEU A 208 18.71 5.50 5.52
N GLU A 209 19.37 5.59 4.37
CA GLU A 209 20.00 6.84 3.96
C GLU A 209 18.97 7.93 3.83
N PHE A 210 17.84 7.58 3.23
CA PHE A 210 16.77 8.54 3.04
C PHE A 210 16.21 9.08 4.35
N VAL A 211 16.04 8.24 5.37
CA VAL A 211 15.50 8.75 6.62
C VAL A 211 16.57 9.26 7.59
N GLY A 212 17.79 9.41 7.08
CA GLY A 212 18.87 9.92 7.89
C GLY A 212 19.31 9.02 9.03
N ARG A 213 19.30 7.72 8.78
CA ARG A 213 19.70 6.77 9.80
C ARG A 213 20.79 5.86 9.28
N SER A 214 21.38 5.10 10.18
CA SER A 214 22.43 4.15 9.82
C SER A 214 22.38 2.99 10.78
N LEU A 215 22.71 1.81 10.29
CA LEU A 215 22.71 0.63 11.11
C LEU A 215 23.82 -0.27 10.65
N PRO A 216 24.47 -0.96 11.60
CA PRO A 216 25.56 -1.84 11.18
C PRO A 216 25.08 -2.87 10.18
N GLU A 217 25.96 -3.21 9.25
CA GLU A 217 25.70 -4.21 8.20
C GLU A 217 25.01 -5.44 8.81
N GLU A 218 25.61 -6.00 9.84
CA GLU A 218 25.06 -7.17 10.51
C GLU A 218 23.59 -7.00 10.89
N THR A 219 23.23 -5.83 11.39
CA THR A 219 21.86 -5.58 11.81
C THR A 219 20.92 -5.49 10.61
N VAL A 220 21.41 -4.99 9.49
CA VAL A 220 20.58 -4.89 8.31
C VAL A 220 20.33 -6.28 7.74
N ASP A 221 21.36 -7.14 7.77
CA ASP A 221 21.22 -8.51 7.27
C ASP A 221 20.16 -9.24 8.08
N LEU A 222 20.04 -8.85 9.34
CA LEU A 222 19.06 -9.46 10.22
C LEU A 222 17.67 -8.93 9.88
N MET A 223 17.60 -7.69 9.43
CA MET A 223 16.31 -7.10 9.06
C MET A 223 15.81 -7.74 7.78
N VAL A 224 16.74 -8.08 6.89
CA VAL A 224 16.41 -8.74 5.62
C VAL A 224 15.82 -10.12 5.87
N GLU A 225 16.37 -10.84 6.84
CA GLU A 225 15.85 -12.15 7.15
C GLU A 225 14.46 -12.10 7.77
N HIS A 226 14.28 -11.23 8.75
CA HIS A 226 12.99 -11.12 9.42
C HIS A 226 11.87 -10.42 8.63
N THR A 227 12.22 -9.66 7.59
CA THR A 227 11.19 -9.00 6.80
C THR A 227 10.95 -9.73 5.48
N SER A 228 11.39 -10.99 5.40
CA SER A 228 11.18 -11.79 4.20
C SER A 228 9.73 -12.27 4.22
N PHE A 229 9.19 -12.59 3.06
CA PHE A 229 7.80 -13.07 2.97
C PHE A 229 7.55 -14.22 3.94
N LYS A 230 8.42 -15.22 3.91
CA LYS A 230 8.27 -16.38 4.78
C LYS A 230 8.09 -15.98 6.24
N GLU A 231 9.00 -15.16 6.75
CA GLU A 231 8.92 -14.71 8.13
C GLU A 231 7.66 -13.92 8.41
N MET A 232 7.46 -12.87 7.62
CA MET A 232 6.29 -12.02 7.80
C MET A 232 4.95 -12.75 7.66
N LYS A 233 4.96 -13.93 7.06
CA LYS A 233 3.74 -14.71 6.90
C LYS A 233 3.42 -15.50 8.17
N LYS A 234 4.45 -15.76 8.98
CA LYS A 234 4.29 -16.49 10.23
C LYS A 234 4.00 -15.52 11.39
N ASN A 235 4.65 -14.36 11.34
CA ASN A 235 4.51 -13.33 12.36
C ASN A 235 3.08 -12.81 12.45
N PRO A 236 2.36 -13.18 13.53
CA PRO A 236 0.98 -12.75 13.75
C PRO A 236 0.82 -11.24 13.87
N MET A 237 1.92 -10.56 14.17
CA MET A 237 1.87 -9.11 14.29
C MET A 237 1.88 -8.45 12.92
N THR A 238 2.31 -9.19 11.89
CA THR A 238 2.37 -8.65 10.54
C THR A 238 1.48 -9.32 9.50
N ASN A 239 0.94 -10.50 9.82
CA ASN A 239 0.09 -11.21 8.86
C ASN A 239 -1.43 -10.92 8.97
N TYR A 240 -1.79 -9.98 9.85
CA TYR A 240 -3.19 -9.60 10.04
C TYR A 240 -4.13 -10.70 10.51
N THR A 241 -3.60 -11.77 11.09
CA THR A 241 -4.47 -12.85 11.56
C THR A 241 -5.17 -12.61 12.90
N THR A 242 -4.77 -11.56 13.61
CA THR A 242 -5.40 -11.27 14.92
C THR A 242 -6.73 -10.53 14.76
N VAL A 243 -7.03 -10.08 13.54
CA VAL A 243 -8.28 -9.38 13.29
C VAL A 243 -9.43 -10.39 13.29
N ARG A 244 -10.65 -9.91 13.44
CA ARG A 244 -11.84 -10.77 13.46
C ARG A 244 -12.20 -11.30 12.07
N ARG A 245 -12.69 -12.53 12.03
CA ARG A 245 -13.08 -13.21 10.79
C ARG A 245 -14.10 -12.50 9.90
N GLU A 246 -15.16 -11.94 10.46
CA GLU A 246 -16.15 -11.27 9.62
C GLU A 246 -15.61 -9.94 9.12
N PHE A 247 -14.35 -9.68 9.46
CA PHE A 247 -13.64 -8.48 9.05
C PHE A 247 -12.75 -8.90 7.87
N MET A 248 -11.83 -9.82 8.16
CA MET A 248 -10.92 -10.38 7.17
C MET A 248 -10.99 -11.89 7.35
N ASP A 249 -11.32 -12.61 6.29
CA ASP A 249 -11.42 -14.06 6.38
C ASP A 249 -10.21 -14.72 5.75
N HIS A 250 -9.17 -14.91 6.55
CA HIS A 250 -7.93 -15.52 6.07
C HIS A 250 -8.13 -16.90 5.45
N SER A 251 -9.28 -17.52 5.72
CA SER A 251 -9.57 -18.84 5.18
C SER A 251 -9.94 -18.70 3.70
N ILE A 252 -10.52 -17.56 3.35
CA ILE A 252 -10.90 -17.28 1.96
C ILE A 252 -9.60 -17.05 1.18
N SER A 253 -8.80 -16.10 1.64
CA SER A 253 -7.51 -15.78 1.04
C SER A 253 -6.64 -15.14 2.11
N PRO A 254 -5.45 -15.71 2.38
CA PRO A 254 -4.60 -15.12 3.40
C PRO A 254 -4.01 -13.79 2.93
N PHE A 255 -3.86 -12.84 3.85
CA PHE A 255 -3.29 -11.54 3.52
C PHE A 255 -1.93 -11.80 2.90
N MET A 256 -1.12 -12.60 3.59
CA MET A 256 0.19 -12.98 3.08
C MET A 256 -0.10 -14.12 2.10
N ARG A 257 -0.57 -13.75 0.91
CA ARG A 257 -0.93 -14.70 -0.13
C ARG A 257 0.23 -15.48 -0.73
N LYS A 258 1.08 -14.82 -1.54
CA LYS A 258 2.23 -15.48 -2.16
C LYS A 258 3.50 -14.63 -2.12
N GLY A 259 3.32 -13.31 -2.21
CA GLY A 259 4.46 -12.41 -2.16
C GLY A 259 5.46 -12.66 -3.28
N MET A 260 4.96 -12.92 -4.47
CA MET A 260 5.83 -13.18 -5.61
C MET A 260 5.68 -12.08 -6.65
N ALA A 261 6.67 -12.02 -7.53
CA ALA A 261 6.69 -11.06 -8.62
C ALA A 261 6.56 -11.92 -9.88
N GLY A 262 5.57 -11.63 -10.72
CA GLY A 262 5.41 -12.40 -11.95
C GLY A 262 4.41 -13.53 -11.88
N ASP A 263 3.75 -13.66 -10.72
CA ASP A 263 2.76 -14.71 -10.49
C ASP A 263 1.46 -14.40 -11.22
N TRP A 264 1.35 -13.22 -11.81
CA TRP A 264 0.13 -12.86 -12.53
C TRP A 264 -0.08 -13.71 -13.79
N LYS A 265 0.97 -14.40 -14.22
CA LYS A 265 0.89 -15.23 -15.43
C LYS A 265 0.02 -16.48 -15.26
N THR A 266 -0.19 -16.88 -14.01
CA THR A 266 -0.99 -18.06 -13.71
C THR A 266 -2.47 -17.68 -13.51
N THR A 267 -2.79 -16.40 -13.66
CA THR A 267 -4.19 -15.96 -13.51
C THR A 267 -4.70 -15.29 -14.80
N PHE A 268 -3.88 -14.44 -15.40
CA PHE A 268 -4.27 -13.77 -16.65
C PHE A 268 -4.39 -14.75 -17.80
N THR A 269 -5.48 -14.69 -18.54
CA THR A 269 -5.61 -15.55 -19.72
C THR A 269 -4.91 -14.76 -20.81
N VAL A 270 -4.53 -15.42 -21.90
CA VAL A 270 -3.86 -14.74 -23.01
C VAL A 270 -4.76 -13.63 -23.56
N ALA A 271 -6.06 -13.88 -23.65
CA ALA A 271 -6.97 -12.84 -24.14
C ALA A 271 -6.95 -11.63 -23.21
N GLN A 272 -7.04 -11.84 -21.91
CA GLN A 272 -7.02 -10.75 -20.95
C GLN A 272 -5.69 -9.99 -20.97
N ASN A 273 -4.60 -10.73 -21.18
CA ASN A 273 -3.28 -10.11 -21.20
C ASN A 273 -3.10 -9.23 -22.43
N GLU A 274 -3.63 -9.66 -23.55
CA GLU A 274 -3.52 -8.88 -24.77
C GLU A 274 -4.31 -7.59 -24.62
N ARG A 275 -5.50 -7.68 -24.04
CA ARG A 275 -6.30 -6.49 -23.88
C ARG A 275 -5.68 -5.53 -22.86
N PHE A 276 -5.15 -6.09 -21.78
CA PHE A 276 -4.54 -5.27 -20.74
C PHE A 276 -3.34 -4.49 -21.28
N ASP A 277 -2.45 -5.18 -22.00
CA ASP A 277 -1.26 -4.53 -22.54
C ASP A 277 -1.62 -3.38 -23.46
N ALA A 278 -2.61 -3.59 -24.32
CA ALA A 278 -3.04 -2.55 -25.25
C ALA A 278 -3.52 -1.32 -24.50
N ASP A 279 -4.33 -1.57 -23.47
CA ASP A 279 -4.92 -0.53 -22.63
C ASP A 279 -3.83 0.16 -21.83
N TYR A 280 -2.81 -0.60 -21.44
CA TYR A 280 -1.71 -0.08 -20.65
C TYR A 280 -0.88 0.92 -21.45
N ALA A 281 -0.39 0.48 -22.61
CA ALA A 281 0.44 1.32 -23.46
C ALA A 281 -0.24 2.66 -23.67
N GLU A 282 -1.56 2.65 -23.68
CA GLU A 282 -2.35 3.86 -23.89
C GLU A 282 -2.43 4.77 -22.66
N LYS A 283 -2.40 4.21 -21.47
CA LYS A 283 -2.46 4.99 -20.24
C LYS A 283 -1.11 5.40 -19.68
N MET A 284 -0.05 4.70 -20.08
CA MET A 284 1.29 5.01 -19.58
C MET A 284 2.17 5.61 -20.67
N ALA A 285 1.55 6.17 -21.70
CA ALA A 285 2.28 6.76 -22.82
C ALA A 285 3.38 7.74 -22.43
N GLY A 286 2.98 8.96 -22.09
CA GLY A 286 3.95 9.98 -21.75
C GLY A 286 4.71 9.82 -20.46
N CYS A 287 4.52 8.69 -19.78
CA CYS A 287 5.19 8.46 -18.52
C CYS A 287 6.55 7.80 -18.73
N SER A 288 7.51 8.18 -17.89
CA SER A 288 8.87 7.61 -17.97
C SER A 288 8.99 6.45 -16.98
N LEU A 289 7.90 6.12 -16.31
CA LEU A 289 7.90 5.01 -15.34
C LEU A 289 8.11 3.68 -16.06
N SER A 290 9.03 2.89 -15.53
CA SER A 290 9.32 1.59 -16.13
C SER A 290 9.15 0.49 -15.09
N PHE A 291 8.23 -0.43 -15.38
CA PHE A 291 7.94 -1.55 -14.49
C PHE A 291 8.37 -2.87 -15.11
N ARG A 292 8.74 -3.83 -14.27
CA ARG A 292 9.11 -5.13 -14.78
C ARG A 292 8.17 -6.12 -14.09
N SER A 293 7.44 -6.88 -14.90
CA SER A 293 6.46 -7.84 -14.38
C SER A 293 7.04 -9.17 -13.90
N GLU A 294 8.37 -9.31 -13.95
CA GLU A 294 9.02 -10.55 -13.51
C GLU A 294 10.27 -10.26 -12.69
N LEU A 295 10.39 -10.91 -11.53
CA LEU A 295 11.52 -10.77 -10.61
C LEU A 295 11.37 -9.64 -9.59
CA CA B . -4.48 -3.28 5.45
P1 A3P C . 0.23 -11.04 -2.98
O1P A3P C . -1.24 -10.91 -2.94
O2P A3P C . 0.85 -12.18 -2.26
O3P A3P C . 0.66 -10.90 -4.38
P2 A3P C . 0.02 -4.51 0.98
O4P A3P C . -1.45 -4.70 0.98
O5P A3P C . 0.72 -4.62 2.27
O6P A3P C . 0.31 -3.22 0.24
O5' A3P C . 0.62 -5.62 0.03
C5' A3P C . 0.14 -6.97 0.06
C4' A3P C . 0.94 -7.79 -0.92
O4' A3P C . 2.33 -7.78 -0.46
C3' A3P C . 0.57 -9.30 -0.98
O3' A3P C . 0.87 -9.72 -2.33
C2' A3P C . 1.49 -9.89 0.07
O2' A3P C . 1.63 -11.30 0.09
C1' A3P C . 2.79 -9.10 -0.23
N9 A3P C . 3.77 -9.06 0.88
C8 A3P C . 3.58 -8.71 2.20
N7 A3P C . 4.67 -8.78 2.95
C5 A3P C . 5.64 -9.19 2.07
C6 A3P C . 7.04 -9.47 2.22
N6 A3P C . 7.70 -9.35 3.38
N1 A3P C . 7.76 -9.88 1.11
C2 A3P C . 7.11 -10.00 -0.10
N3 A3P C . 5.78 -9.77 -0.35
C4 A3P C . 5.11 -9.37 0.77
C ACY D . -6.43 -1.50 3.00
O ACY D . -5.22 -1.87 3.37
OXT ACY D . -7.40 -1.64 3.72
CH3 ACY D . -6.54 -0.90 1.62
#